data_4IDI
#
_entry.id   4IDI
#
_cell.length_a   32.590
_cell.length_b   72.720
_cell.length_c   107.510
_cell.angle_alpha   90.00
_cell.angle_beta   92.64
_cell.angle_gamma   90.00
#
_symmetry.space_group_name_H-M   'P 1 21 1'
#
loop_
_entity.id
_entity.type
_entity.pdbx_description
1 polymer 'Oryza sativa Rurm1-related'
2 non-polymer GLYCEROL
3 water water
#
_entity_poly.entity_id   1
_entity_poly.type   'polypeptide(L)'
_entity_poly.pdbx_seq_one_letter_code
;(MSE)GSSHHHHHHSSGLVPRGS(MSE)KVKIELKFLGGLESYLEDKSKNYVTLEIDSKELNFENLIAFIRDNIIEKKFV
FSDYDIVSADEKLCKV(MSE)VDNKEYSNYNLKDKAKIKPGIIVLVNEYDWEILGTYSYQIKNDDKICFLSTLHGG
;
_entity_poly.pdbx_strand_id   A,B,C,D
#
# COMPACT_ATOMS: atom_id res chain seq x y z
N LYS A 21 4.37 -14.34 1.39
CA LYS A 21 3.49 -13.33 0.80
C LYS A 21 4.17 -11.95 0.87
N VAL A 22 4.38 -11.31 -0.29
CA VAL A 22 5.06 -10.02 -0.44
C VAL A 22 4.20 -9.10 -1.32
N LYS A 23 3.75 -7.98 -0.73
CA LYS A 23 2.96 -6.96 -1.39
C LYS A 23 3.78 -5.67 -1.34
N ILE A 24 4.19 -5.16 -2.53
CA ILE A 24 5.03 -3.97 -2.58
C ILE A 24 4.46 -2.90 -3.48
N GLU A 25 4.95 -1.66 -3.33
CA GLU A 25 4.60 -0.57 -4.23
C GLU A 25 5.79 -0.35 -5.15
N LEU A 26 5.53 -0.12 -6.43
CA LEU A 26 6.59 0.19 -7.40
C LEU A 26 6.21 1.54 -7.95
N LYS A 27 6.96 2.57 -7.59
N LYS A 27 6.96 2.57 -7.59
CA LYS A 27 6.73 3.95 -8.04
CA LYS A 27 6.73 3.94 -8.04
C LYS A 27 7.73 4.29 -9.15
C LYS A 27 7.73 4.29 -9.15
N PHE A 28 7.29 5.07 -10.15
CA PHE A 28 8.12 5.45 -11.29
C PHE A 28 8.12 6.93 -11.40
N LEU A 29 9.32 7.53 -11.49
CA LEU A 29 9.50 8.98 -11.50
C LEU A 29 10.52 9.41 -12.57
N GLY A 30 10.60 10.70 -12.79
CA GLY A 30 11.51 11.27 -13.78
C GLY A 30 11.11 11.04 -15.24
N GLY A 31 9.83 10.71 -15.48
CA GLY A 31 9.31 10.48 -16.83
C GLY A 31 8.92 9.04 -17.07
N LEU A 32 9.43 8.12 -16.22
CA LEU A 32 9.13 6.69 -16.31
C LEU A 32 7.65 6.39 -16.13
N GLU A 33 6.91 7.21 -15.34
CA GLU A 33 5.48 7.00 -15.13
C GLU A 33 4.62 7.13 -16.45
N SER A 34 5.14 7.88 -17.46
CA SER A 34 4.44 8.07 -18.74
CA SER A 34 4.43 8.07 -18.73
C SER A 34 4.35 6.75 -19.52
N TYR A 35 5.09 5.71 -19.08
CA TYR A 35 5.10 4.40 -19.76
C TYR A 35 4.28 3.33 -19.03
N LEU A 36 3.57 3.73 -17.99
CA LEU A 36 2.74 2.79 -17.26
C LEU A 36 1.42 2.58 -17.99
N GLU A 37 0.80 1.40 -17.81
CA GLU A 37 -0.51 1.08 -18.40
C GLU A 37 -1.55 2.04 -17.86
N ASP A 38 -1.56 2.27 -16.53
CA ASP A 38 -2.50 3.21 -15.90
C ASP A 38 -1.78 4.53 -15.71
N LYS A 39 -2.12 5.50 -16.57
CA LYS A 39 -1.45 6.80 -16.55
C LYS A 39 -2.08 7.81 -15.59
N SER A 40 -3.07 7.37 -14.79
CA SER A 40 -3.72 8.22 -13.79
C SER A 40 -2.90 8.30 -12.46
N LYS A 41 -1.89 7.43 -12.30
CA LYS A 41 -1.03 7.35 -11.11
CA LYS A 41 -1.03 7.37 -11.10
C LYS A 41 0.39 6.93 -11.49
N ASN A 42 1.39 7.34 -10.70
CA ASN A 42 2.80 7.01 -11.00
C ASN A 42 3.30 5.69 -10.39
N TYR A 43 2.38 4.89 -9.82
CA TYR A 43 2.79 3.64 -9.18
C TYR A 43 1.86 2.48 -9.49
N VAL A 44 2.32 1.27 -9.17
CA VAL A 44 1.54 0.04 -9.22
C VAL A 44 1.84 -0.72 -7.92
N THR A 45 0.96 -1.61 -7.52
CA THR A 45 1.17 -2.49 -6.39
C THR A 45 1.48 -3.86 -7.00
N LEU A 46 2.50 -4.55 -6.48
CA LEU A 46 2.82 -5.90 -6.95
C LEU A 46 2.67 -6.92 -5.80
N GLU A 47 1.98 -8.05 -6.05
CA GLU A 47 1.83 -9.12 -5.05
C GLU A 47 2.44 -10.38 -5.60
N ILE A 48 3.37 -10.95 -4.83
CA ILE A 48 4.05 -12.20 -5.20
C ILE A 48 4.20 -13.09 -3.95
N ASP A 49 3.94 -14.39 -4.13
CA ASP A 49 4.05 -15.39 -3.07
C ASP A 49 5.10 -16.41 -3.54
N SER A 50 6.36 -16.00 -3.46
CA SER A 50 7.53 -16.77 -3.83
C SER A 50 8.76 -16.29 -3.07
N LYS A 51 9.55 -17.24 -2.51
CA LYS A 51 10.79 -16.94 -1.79
C LYS A 51 11.91 -16.54 -2.76
N GLU A 52 11.69 -16.74 -4.07
CA GLU A 52 12.68 -16.48 -5.13
C GLU A 52 12.63 -15.04 -5.67
N LEU A 53 11.74 -14.21 -5.13
CA LEU A 53 11.67 -12.79 -5.53
C LEU A 53 12.99 -12.08 -5.19
N ASN A 54 13.56 -11.38 -6.16
CA ASN A 54 14.77 -10.57 -6.00
C ASN A 54 14.73 -9.40 -6.99
N PHE A 55 15.60 -8.42 -6.82
CA PHE A 55 15.70 -7.28 -7.73
C PHE A 55 16.04 -7.65 -9.18
N GLU A 56 16.78 -8.75 -9.41
CA GLU A 56 17.11 -9.19 -10.78
C GLU A 56 15.88 -9.64 -11.57
N ASN A 57 15.03 -10.52 -10.99
CA ASN A 57 13.82 -10.96 -11.66
C ASN A 57 12.74 -9.87 -11.62
N LEU A 58 12.77 -8.95 -10.60
CA LEU A 58 11.80 -7.85 -10.53
C LEU A 58 12.03 -6.84 -11.63
N ILE A 59 13.29 -6.47 -11.87
CA ILE A 59 13.66 -5.52 -12.93
C ILE A 59 13.31 -6.13 -14.31
N ALA A 60 13.60 -7.44 -14.52
CA ALA A 60 13.28 -8.11 -15.77
C ALA A 60 11.76 -8.09 -15.99
N PHE A 61 10.98 -8.35 -14.93
CA PHE A 61 9.53 -8.38 -15.07
C PHE A 61 8.96 -6.96 -15.34
N ILE A 62 9.43 -5.95 -14.61
CA ILE A 62 8.95 -4.58 -14.83
C ILE A 62 9.26 -4.16 -16.29
N ARG A 63 10.50 -4.43 -16.75
CA ARG A 63 10.98 -4.11 -18.08
C ARG A 63 10.04 -4.59 -19.18
N ASP A 64 9.54 -5.79 -19.04
CA ASP A 64 8.68 -6.38 -20.07
C ASP A 64 7.15 -6.28 -19.83
N ASN A 65 6.71 -6.04 -18.60
CA ASN A 65 5.27 -6.08 -18.32
C ASN A 65 4.67 -4.83 -17.68
N ILE A 66 5.49 -3.92 -17.16
CA ILE A 66 4.95 -2.76 -16.46
C ILE A 66 5.30 -1.49 -17.21
N ILE A 67 6.51 -1.45 -17.78
CA ILE A 67 6.96 -0.34 -18.62
C ILE A 67 6.54 -0.70 -20.07
N GLU A 68 5.64 0.11 -20.66
CA GLU A 68 5.12 -0.16 -22.01
C GLU A 68 6.06 0.26 -23.16
N LYS A 69 7.09 1.08 -22.89
CA LYS A 69 8.04 1.48 -23.93
C LYS A 69 9.34 0.68 -23.85
N LYS A 70 9.90 0.25 -25.00
CA LYS A 70 11.16 -0.51 -24.97
C LYS A 70 12.40 0.38 -24.79
N PHE A 71 13.51 -0.21 -24.26
CA PHE A 71 14.85 0.37 -24.02
C PHE A 71 14.93 1.48 -22.94
N VAL A 72 13.82 1.90 -22.31
CA VAL A 72 13.88 3.04 -21.37
C VAL A 72 14.16 2.66 -19.88
N PHE A 73 14.07 1.37 -19.51
CA PHE A 73 14.14 0.96 -18.10
C PHE A 73 15.29 0.04 -17.75
N SER A 74 15.60 -0.92 -18.64
CA SER A 74 16.62 -1.94 -18.43
C SER A 74 17.05 -2.53 -19.77
N ASP A 75 18.35 -2.83 -19.91
CA ASP A 75 18.89 -3.44 -21.13
C ASP A 75 18.38 -4.89 -21.31
N TYR A 76 18.39 -5.40 -22.56
CA TYR A 76 17.97 -6.77 -22.90
C TYR A 76 19.26 -7.62 -22.96
N ASP A 77 19.91 -7.77 -21.80
CA ASP A 77 21.19 -8.48 -21.68
C ASP A 77 21.03 -10.00 -21.74
N ILE A 78 19.99 -10.56 -21.04
CA ILE A 78 19.71 -11.99 -21.07
C ILE A 78 18.46 -12.25 -21.91
N ASP A 82 16.41 -19.23 -18.89
CA ASP A 82 15.62 -20.35 -18.37
C ASP A 82 14.29 -19.85 -17.80
N GLU A 83 13.27 -20.72 -17.73
CA GLU A 83 11.96 -20.30 -17.24
C GLU A 83 11.41 -21.11 -16.06
N LYS A 84 11.03 -20.39 -14.99
CA LYS A 84 10.34 -20.89 -13.80
C LYS A 84 9.32 -19.78 -13.53
N LEU A 85 8.15 -19.91 -14.14
CA LEU A 85 7.06 -18.91 -14.11
C LEU A 85 6.20 -19.01 -12.87
N CYS A 86 5.63 -17.87 -12.44
N CYS A 86 5.66 -17.87 -12.42
CA CYS A 86 4.78 -17.80 -11.25
CA CYS A 86 4.75 -17.82 -11.28
C CYS A 86 3.73 -16.70 -11.43
C CYS A 86 3.72 -16.72 -11.46
N LYS A 87 2.60 -16.82 -10.72
CA LYS A 87 1.53 -15.83 -10.77
C LYS A 87 1.85 -14.64 -9.88
N VAL A 88 1.57 -13.42 -10.41
CA VAL A 88 1.70 -12.15 -9.70
C VAL A 88 0.46 -11.31 -10.01
N VAL A 90 -0.63 -7.33 -10.50
CA VAL A 90 -0.12 -5.95 -10.73
C VAL A 90 -1.40 -5.12 -10.61
N ASP A 91 -1.55 -4.36 -9.50
CA ASP A 91 -2.82 -3.69 -9.12
C ASP A 91 -3.89 -4.85 -9.09
N ASN A 92 -5.02 -4.73 -9.81
CA ASN A 92 -6.08 -5.75 -9.82
C ASN A 92 -6.01 -6.71 -11.04
N LYS A 93 -4.82 -6.77 -11.68
CA LYS A 93 -4.59 -7.60 -12.87
C LYS A 93 -3.64 -8.75 -12.55
N GLU A 94 -4.03 -9.97 -12.90
CA GLU A 94 -3.17 -11.13 -12.68
C GLU A 94 -2.30 -11.39 -13.90
N TYR A 95 -1.04 -11.72 -13.65
CA TYR A 95 -0.04 -12.10 -14.64
C TYR A 95 0.43 -13.51 -14.25
N SER A 96 0.67 -14.39 -15.24
CA SER A 96 1.15 -15.75 -14.96
C SER A 96 2.52 -16.00 -15.60
N ASN A 97 3.17 -14.93 -16.07
CA ASN A 97 4.46 -14.98 -16.78
C ASN A 97 5.63 -14.38 -15.96
N TYR A 98 5.51 -14.26 -14.62
CA TYR A 98 6.61 -13.73 -13.82
C TYR A 98 7.72 -14.79 -13.80
N ASN A 99 8.82 -14.55 -14.53
CA ASN A 99 9.93 -15.49 -14.62
C ASN A 99 10.90 -15.30 -13.46
N LEU A 100 10.86 -16.22 -12.48
CA LEU A 100 11.73 -16.13 -11.29
C LEU A 100 13.22 -16.33 -11.63
N LYS A 101 13.50 -16.89 -12.83
CA LYS A 101 14.84 -17.24 -13.31
C LYS A 101 15.43 -16.14 -14.20
N ASP A 102 14.63 -15.16 -14.62
CA ASP A 102 15.15 -14.06 -15.44
C ASP A 102 15.97 -13.08 -14.57
N LYS A 103 16.92 -12.35 -15.18
CA LYS A 103 17.79 -11.40 -14.48
C LYS A 103 18.01 -10.20 -15.37
N ALA A 104 17.89 -8.99 -14.80
CA ALA A 104 18.13 -7.75 -15.54
C ALA A 104 18.71 -6.71 -14.62
N LYS A 105 19.54 -5.84 -15.18
CA LYS A 105 20.17 -4.74 -14.48
C LYS A 105 19.31 -3.51 -14.74
N ILE A 106 19.27 -2.60 -13.81
CA ILE A 106 18.59 -1.32 -14.06
C ILE A 106 19.47 -0.52 -15.04
N LYS A 107 18.87 0.25 -15.96
CA LYS A 107 19.62 1.08 -16.90
C LYS A 107 20.44 2.13 -16.13
N PRO A 108 21.72 2.41 -16.49
CA PRO A 108 22.45 3.48 -15.79
C PRO A 108 21.69 4.80 -15.95
N GLY A 109 21.69 5.62 -14.91
CA GLY A 109 20.96 6.88 -14.91
C GLY A 109 19.63 6.79 -14.21
N ILE A 110 19.23 5.57 -13.81
CA ILE A 110 17.99 5.34 -13.06
C ILE A 110 18.39 5.09 -11.61
N ILE A 111 17.83 5.91 -10.72
CA ILE A 111 18.04 5.88 -9.28
C ILE A 111 17.03 4.92 -8.69
N VAL A 112 17.48 4.02 -7.81
CA VAL A 112 16.58 3.07 -7.14
C VAL A 112 16.52 3.41 -5.64
N LEU A 113 15.30 3.54 -5.12
CA LEU A 113 15.14 3.79 -3.68
C LEU A 113 14.26 2.69 -3.12
N VAL A 114 14.49 2.29 -1.87
CA VAL A 114 13.59 1.34 -1.19
C VAL A 114 13.26 2.04 0.09
N ASN A 115 11.97 2.32 0.29
CA ASN A 115 11.48 3.05 1.47
C ASN A 115 12.22 4.39 1.63
N GLU A 116 12.47 5.04 0.48
CA GLU A 116 13.16 6.33 0.37
C GLU A 116 14.66 6.31 0.77
N TYR A 117 15.29 5.10 0.80
CA TYR A 117 16.73 4.97 1.01
C TYR A 117 17.39 4.56 -0.29
N ASP A 118 18.55 5.15 -0.64
CA ASP A 118 19.25 4.73 -1.88
C ASP A 118 19.61 3.24 -1.75
N TRP A 119 19.28 2.40 -2.76
CA TRP A 119 19.54 0.94 -2.67
C TRP A 119 21.03 0.57 -2.47
N GLU A 120 21.97 1.53 -2.71
CA GLU A 120 23.41 1.32 -2.50
CA GLU A 120 23.39 1.28 -2.49
C GLU A 120 23.69 1.03 -1.00
N ILE A 121 22.89 1.64 -0.06
CA ILE A 121 23.08 1.43 1.39
C ILE A 121 22.33 0.17 1.87
N LEU A 122 21.61 -0.49 0.93
CA LEU A 122 20.76 -1.67 1.18
C LEU A 122 21.34 -2.95 0.61
N GLY A 123 22.40 -2.84 -0.18
CA GLY A 123 23.04 -3.98 -0.83
C GLY A 123 22.60 -4.23 -2.25
N THR A 124 22.01 -3.17 -2.90
CA THR A 124 21.51 -3.15 -4.28
C THR A 124 20.75 -4.46 -4.64
N TYR A 125 21.27 -5.25 -5.60
CA TYR A 125 20.64 -6.50 -6.09
C TYR A 125 20.51 -7.60 -5.03
N SER A 126 21.33 -7.54 -3.94
N SER A 126 21.32 -7.55 -3.94
CA SER A 126 21.32 -8.50 -2.81
CA SER A 126 21.25 -8.55 -2.87
C SER A 126 20.23 -8.16 -1.76
C SER A 126 20.23 -8.18 -1.77
N TYR A 127 19.56 -7.01 -1.89
CA TYR A 127 18.53 -6.57 -0.92
C TYR A 127 17.33 -7.53 -0.87
N GLN A 128 17.03 -8.05 0.33
CA GLN A 128 15.89 -8.96 0.48
C GLN A 128 14.62 -8.12 0.51
N ILE A 129 13.84 -8.17 -0.58
CA ILE A 129 12.60 -7.38 -0.72
C ILE A 129 11.60 -7.90 0.30
N LYS A 130 10.96 -7.00 1.01
CA LYS A 130 10.07 -7.41 2.10
C LYS A 130 8.67 -6.92 1.88
N ASN A 131 7.70 -7.64 2.50
CA ASN A 131 6.31 -7.23 2.43
C ASN A 131 6.17 -5.77 2.89
N ASP A 132 5.38 -4.96 2.15
CA ASP A 132 5.12 -3.54 2.39
C ASP A 132 6.25 -2.61 1.99
N ASP A 133 7.31 -3.12 1.33
CA ASP A 133 8.37 -2.22 0.85
C ASP A 133 7.84 -1.30 -0.23
N LYS A 134 8.37 -0.06 -0.29
CA LYS A 134 8.01 0.92 -1.30
C LYS A 134 9.24 1.17 -2.14
N ILE A 135 9.21 0.70 -3.37
CA ILE A 135 10.38 0.82 -4.24
C ILE A 135 10.10 1.94 -5.22
N CYS A 136 11.11 2.76 -5.50
CA CYS A 136 10.99 3.85 -6.42
C CYS A 136 12.10 3.81 -7.45
N PHE A 137 11.76 4.01 -8.73
CA PHE A 137 12.70 4.09 -9.86
C PHE A 137 12.58 5.50 -10.42
N LEU A 138 13.69 6.23 -10.37
CA LEU A 138 13.69 7.59 -10.82
C LEU A 138 14.71 7.76 -11.92
N SER A 139 14.24 8.10 -13.11
CA SER A 139 15.09 8.34 -14.26
C SER A 139 15.69 9.73 -14.17
N THR A 140 16.95 9.86 -14.59
CA THR A 140 17.66 11.15 -14.70
C THR A 140 17.92 11.41 -16.19
N LEU A 141 17.66 10.38 -17.03
CA LEU A 141 17.85 10.38 -18.47
C LEU A 141 16.83 11.27 -19.20
N LYS B 21 -0.26 33.08 2.36
CA LYS B 21 0.24 32.03 3.24
C LYS B 21 0.58 30.75 2.44
N VAL B 22 1.84 30.34 2.49
CA VAL B 22 2.30 29.17 1.77
C VAL B 22 2.98 28.18 2.77
N LYS B 23 2.42 26.96 2.87
CA LYS B 23 2.95 25.91 3.71
C LYS B 23 3.37 24.77 2.79
N ILE B 24 4.67 24.42 2.80
CA ILE B 24 5.19 23.39 1.91
C ILE B 24 5.99 22.34 2.66
N GLU B 25 6.20 21.20 2.02
CA GLU B 25 7.06 20.17 2.58
C GLU B 25 8.36 20.23 1.78
N LEU B 26 9.49 20.07 2.47
CA LEU B 26 10.80 20.05 1.82
C LEU B 26 11.38 18.72 2.23
N LYS B 27 11.44 17.79 1.26
CA LYS B 27 11.96 16.45 1.49
C LYS B 27 13.39 16.30 0.92
N PHE B 28 14.28 15.61 1.67
CA PHE B 28 15.69 15.46 1.29
C PHE B 28 16.01 14.01 1.18
N LEU B 29 16.60 13.60 0.05
CA LEU B 29 16.89 12.21 -0.25
C LEU B 29 18.28 12.03 -0.85
N GLY B 30 18.72 10.78 -0.96
CA GLY B 30 20.03 10.44 -1.49
C GLY B 30 21.21 10.77 -0.58
N GLY B 31 20.94 10.95 0.72
CA GLY B 31 21.98 11.24 1.71
C GLY B 31 21.85 12.62 2.31
N LEU B 32 21.09 13.51 1.62
CA LEU B 32 20.87 14.88 2.08
C LEU B 32 20.14 14.94 3.41
N GLU B 33 19.27 13.95 3.70
CA GLU B 33 18.54 13.92 4.98
C GLU B 33 19.49 13.77 6.23
N SER B 34 20.71 13.23 6.05
CA SER B 34 21.68 13.08 7.15
C SER B 34 22.17 14.45 7.66
N TYR B 35 21.87 15.53 6.91
CA TYR B 35 22.31 16.88 7.27
C TYR B 35 21.19 17.75 7.86
N LEU B 36 20.03 17.15 8.12
CA LEU B 36 18.93 17.87 8.71
C LEU B 36 19.11 17.95 10.21
N GLU B 37 18.56 19.00 10.85
CA GLU B 37 18.61 19.22 12.30
C GLU B 37 17.88 18.05 12.99
N ASP B 38 16.68 17.70 12.48
CA ASP B 38 15.89 16.58 13.01
C ASP B 38 16.16 15.36 12.14
N LYS B 39 16.97 14.44 12.66
CA LYS B 39 17.39 13.24 11.92
C LYS B 39 16.42 12.07 12.05
N SER B 40 15.26 12.27 12.72
CA SER B 40 14.22 11.24 12.86
C SER B 40 13.30 11.16 11.62
N LYS B 41 13.38 12.16 10.71
CA LYS B 41 12.58 12.20 9.48
C LYS B 41 13.37 12.87 8.36
N ASN B 42 13.06 12.55 7.10
CA ASN B 42 13.80 13.12 5.95
C ASN B 42 13.21 14.42 5.40
N TYR B 43 12.25 15.02 6.11
CA TYR B 43 11.62 16.25 5.61
C TYR B 43 11.41 17.30 6.70
N VAL B 44 11.11 18.52 6.29
CA VAL B 44 10.69 19.63 7.17
C VAL B 44 9.49 20.29 6.50
N THR B 45 8.69 21.00 7.28
CA THR B 45 7.59 21.79 6.74
C THR B 45 8.06 23.25 6.83
N LEU B 46 7.84 24.04 5.77
CA LEU B 46 8.21 25.46 5.77
C LEU B 46 6.96 26.32 5.54
N GLU B 47 6.78 27.38 6.36
CA GLU B 47 5.65 28.32 6.23
C GLU B 47 6.22 29.72 6.03
N ILE B 48 5.77 30.41 4.99
CA ILE B 48 6.19 31.76 4.64
C ILE B 48 4.95 32.50 4.12
N ASP B 49 4.77 33.74 4.58
CA ASP B 49 3.67 34.62 4.20
C ASP B 49 4.27 35.80 3.42
N SER B 50 4.73 35.50 2.20
CA SER B 50 5.34 36.47 1.29
C SER B 50 5.13 36.04 -0.14
N LYS B 51 4.78 37.01 -1.00
CA LYS B 51 4.62 36.81 -2.44
C LYS B 51 5.99 36.80 -3.17
N GLU B 52 7.09 37.08 -2.44
CA GLU B 52 8.45 37.08 -2.99
C GLU B 52 9.15 35.71 -2.90
N LEU B 53 8.45 34.69 -2.36
CA LEU B 53 8.98 33.33 -2.29
C LEU B 53 9.22 32.80 -3.71
N ASN B 54 10.43 32.27 -3.94
CA ASN B 54 10.83 31.65 -5.21
C ASN B 54 11.94 30.65 -4.96
N PHE B 55 12.20 29.78 -5.90
CA PHE B 55 13.19 28.73 -5.76
C PHE B 55 14.63 29.26 -5.47
N GLU B 56 14.98 30.43 -5.97
CA GLU B 56 16.29 31.04 -5.75
C GLU B 56 16.51 31.42 -4.29
N ASN B 57 15.54 32.11 -3.64
CA ASN B 57 15.68 32.47 -2.23
C ASN B 57 15.39 31.25 -1.33
N LEU B 58 14.60 30.27 -1.82
CA LEU B 58 14.34 29.03 -1.07
C LEU B 58 15.60 28.17 -0.96
N ILE B 59 16.27 27.97 -2.09
CA ILE B 59 17.51 27.20 -2.15
C ILE B 59 18.58 27.86 -1.29
N ALA B 60 18.74 29.23 -1.35
CA ALA B 60 19.72 29.96 -0.51
C ALA B 60 19.39 29.76 0.99
N PHE B 61 18.10 29.82 1.35
CA PHE B 61 17.72 29.65 2.75
C PHE B 61 17.99 28.21 3.23
N ILE B 62 17.61 27.20 2.44
CA ILE B 62 17.86 25.79 2.80
C ILE B 62 19.35 25.56 3.01
N ARG B 63 20.17 26.06 2.04
CA ARG B 63 21.63 25.93 2.05
C ARG B 63 22.25 26.37 3.38
N ASP B 64 21.75 27.47 3.94
CA ASP B 64 22.33 28.01 5.17
C ASP B 64 21.59 27.67 6.48
N ASN B 65 20.33 27.26 6.42
CA ASN B 65 19.56 27.06 7.65
C ASN B 65 18.94 25.69 7.84
N ILE B 66 18.83 24.88 6.79
CA ILE B 66 18.17 23.59 6.91
C ILE B 66 19.19 22.45 6.73
N ILE B 67 20.13 22.62 5.79
CA ILE B 67 21.21 21.66 5.58
C ILE B 67 22.38 22.09 6.48
N GLU B 68 22.70 21.28 7.51
CA GLU B 68 23.74 21.61 8.52
C GLU B 68 25.18 21.44 8.03
N LYS B 69 25.41 20.77 6.89
CA LYS B 69 26.77 20.61 6.36
C LYS B 69 27.05 21.56 5.21
N LYS B 70 28.23 22.18 5.16
CA LYS B 70 28.55 23.11 4.07
C LYS B 70 28.96 22.39 2.77
N PHE B 71 28.76 23.06 1.61
CA PHE B 71 29.11 22.67 0.23
C PHE B 71 28.29 21.49 -0.37
N VAL B 72 27.38 20.85 0.38
CA VAL B 72 26.69 19.66 -0.13
C VAL B 72 25.38 19.92 -0.89
N PHE B 73 24.80 21.14 -0.80
CA PHE B 73 23.46 21.41 -1.35
C PHE B 73 23.40 22.44 -2.46
N SER B 74 24.20 23.52 -2.33
CA SER B 74 24.20 24.66 -3.25
C SER B 74 25.51 25.43 -3.10
N ASP B 75 26.06 25.93 -4.22
CA ASP B 75 27.29 26.73 -4.20
C ASP B 75 27.07 28.10 -3.53
N TYR B 76 28.16 28.71 -3.02
CA TYR B 76 28.14 30.03 -2.37
C TYR B 76 28.60 31.09 -3.37
N ASP B 82 22.12 41.80 -1.17
CA ASP B 82 21.20 42.70 -0.48
C ASP B 82 20.30 41.93 0.48
N GLU B 83 19.73 42.61 1.48
CA GLU B 83 18.90 41.94 2.49
C GLU B 83 17.50 42.53 2.65
N LYS B 84 16.48 41.66 2.50
CA LYS B 84 15.07 41.94 2.75
C LYS B 84 14.60 40.68 3.48
N LEU B 85 14.75 40.70 4.81
CA LEU B 85 14.49 39.56 5.69
C LEU B 85 13.02 39.41 6.06
N CYS B 86 12.58 38.17 6.25
CA CYS B 86 11.21 37.88 6.66
C CYS B 86 11.17 36.66 7.59
N LYS B 87 10.08 36.57 8.35
CA LYS B 87 9.85 35.47 9.28
C LYS B 87 9.35 34.22 8.56
N VAL B 88 9.88 33.07 8.96
CA VAL B 88 9.49 31.76 8.43
C VAL B 88 9.37 30.79 9.58
N VAL B 90 10.06 26.80 10.33
CA VAL B 90 10.65 25.53 9.85
C VAL B 90 10.21 24.55 10.91
N ASP B 91 9.27 23.63 10.56
CA ASP B 91 8.60 22.74 11.54
C ASP B 91 7.94 23.67 12.62
N ASN B 92 8.22 23.48 13.91
CA ASN B 92 7.61 24.35 14.94
C ASN B 92 8.57 25.48 15.42
N LYS B 93 9.64 25.74 14.66
CA LYS B 93 10.68 26.72 14.97
C LYS B 93 10.56 27.97 14.08
N GLU B 94 10.57 29.15 14.68
CA GLU B 94 10.52 30.39 13.93
C GLU B 94 11.92 30.88 13.61
N TYR B 95 12.10 31.36 12.38
CA TYR B 95 13.33 31.95 11.85
C TYR B 95 12.96 33.38 11.39
N SER B 96 13.84 34.36 11.62
CA SER B 96 13.59 35.73 11.19
C SER B 96 14.64 36.21 10.17
N ASN B 97 15.46 35.28 9.65
CA ASN B 97 16.57 35.54 8.74
C ASN B 97 16.35 35.05 7.31
N TYR B 98 15.08 34.80 6.89
CA TYR B 98 14.81 34.36 5.52
C TYR B 98 15.03 35.57 4.59
N ASN B 99 16.12 35.56 3.81
CA ASN B 99 16.46 36.67 2.91
C ASN B 99 15.74 36.49 1.57
N LEU B 100 14.68 37.29 1.33
CA LEU B 100 13.90 37.21 0.07
C LEU B 100 14.71 37.68 -1.15
N LYS B 101 15.84 38.37 -0.91
CA LYS B 101 16.72 38.94 -1.93
C LYS B 101 17.90 38.04 -2.27
N ASP B 102 18.15 36.99 -1.45
CA ASP B 102 19.22 36.05 -1.75
C ASP B 102 18.82 35.13 -2.93
N LYS B 103 19.82 34.60 -3.65
CA LYS B 103 19.62 33.73 -4.82
C LYS B 103 20.70 32.68 -4.81
N ALA B 104 20.33 31.43 -5.05
CA ALA B 104 21.27 30.31 -5.12
C ALA B 104 20.76 29.30 -6.12
N LYS B 105 21.68 28.62 -6.78
CA LYS B 105 21.40 27.54 -7.71
C LYS B 105 21.53 26.25 -6.92
N ILE B 106 20.78 25.24 -7.31
CA ILE B 106 20.95 23.92 -6.71
C ILE B 106 22.29 23.35 -7.26
N LYS B 107 23.03 22.59 -6.45
CA LYS B 107 24.29 21.97 -6.88
C LYS B 107 24.01 20.98 -8.04
N PRO B 108 24.82 20.93 -9.13
CA PRO B 108 24.59 19.91 -10.16
C PRO B 108 24.67 18.51 -9.53
N GLY B 109 23.82 17.59 -9.98
CA GLY B 109 23.75 16.25 -9.42
C GLY B 109 22.63 16.09 -8.40
N ILE B 110 21.94 17.19 -8.07
CA ILE B 110 20.78 17.14 -7.19
C ILE B 110 19.53 17.31 -8.06
N ILE B 111 18.63 16.32 -7.97
CA ILE B 111 17.35 16.25 -8.67
CA ILE B 111 17.36 16.30 -8.69
C ILE B 111 16.32 17.02 -7.85
N VAL B 112 15.52 17.87 -8.50
CA VAL B 112 14.46 18.61 -7.82
C VAL B 112 13.12 18.12 -8.34
N LEU B 113 12.21 17.75 -7.41
CA LEU B 113 10.86 17.34 -7.82
C LEU B 113 9.89 18.23 -7.09
N VAL B 114 8.74 18.55 -7.72
CA VAL B 114 7.67 19.28 -7.07
C VAL B 114 6.47 18.43 -7.30
N ASN B 115 5.85 17.96 -6.19
CA ASN B 115 4.68 17.08 -6.23
C ASN B 115 4.99 15.83 -7.09
N GLU B 116 6.24 15.35 -6.98
CA GLU B 116 6.77 14.18 -7.68
C GLU B 116 6.93 14.39 -9.21
N TYR B 117 6.96 15.65 -9.69
CA TYR B 117 7.23 15.96 -11.09
C TYR B 117 8.62 16.58 -11.20
N ASP B 118 9.43 16.19 -12.20
CA ASP B 118 10.75 16.83 -12.35
C ASP B 118 10.55 18.35 -12.59
N TRP B 119 11.25 19.22 -11.84
CA TRP B 119 11.04 20.67 -11.97
C TRP B 119 11.32 21.24 -13.38
N GLU B 120 12.01 20.48 -14.25
CA GLU B 120 12.26 20.88 -15.64
C GLU B 120 10.94 21.02 -16.43
N ILE B 121 9.90 20.21 -16.09
CA ILE B 121 8.58 20.31 -16.78
C ILE B 121 7.69 21.39 -16.12
N LEU B 122 8.21 22.04 -15.05
CA LEU B 122 7.52 23.04 -14.24
C LEU B 122 8.06 24.45 -14.42
N GLY B 123 9.15 24.59 -15.16
CA GLY B 123 9.80 25.87 -15.37
C GLY B 123 10.97 26.17 -14.43
N THR B 124 11.48 25.12 -13.75
N THR B 124 11.51 25.13 -13.74
CA THR B 124 12.67 25.17 -12.90
CA THR B 124 12.62 25.16 -12.77
C THR B 124 12.56 26.37 -11.88
C THR B 124 12.55 26.37 -11.80
N TYR B 125 13.49 27.34 -11.92
CA TYR B 125 13.55 28.52 -11.05
C TYR B 125 12.39 29.49 -11.18
N SER B 126 11.59 29.38 -12.27
CA SER B 126 10.44 30.24 -12.54
C SER B 126 9.15 29.68 -11.96
N TYR B 127 9.20 28.42 -11.44
CA TYR B 127 8.04 27.75 -10.88
C TYR B 127 7.44 28.54 -9.71
N GLN B 128 6.14 28.88 -9.81
CA GLN B 128 5.46 29.60 -8.73
C GLN B 128 5.09 28.58 -7.67
N ILE B 129 5.83 28.61 -6.54
CA ILE B 129 5.62 27.68 -5.43
C ILE B 129 4.24 27.96 -4.82
N LYS B 130 3.48 26.89 -4.60
CA LYS B 130 2.12 27.05 -4.12
C LYS B 130 1.91 26.39 -2.78
N ASN B 131 0.91 26.87 -2.03
CA ASN B 131 0.54 26.29 -0.75
C ASN B 131 0.28 24.80 -0.95
N ASP B 132 0.81 23.97 -0.04
CA ASP B 132 0.70 22.50 -0.02
C ASP B 132 1.60 21.79 -1.01
N ASP B 133 2.52 22.51 -1.70
CA ASP B 133 3.46 21.84 -2.61
C ASP B 133 4.42 20.95 -1.81
N LYS B 134 4.83 19.84 -2.40
CA LYS B 134 5.75 18.88 -1.80
C LYS B 134 7.00 18.88 -2.65
N ILE B 135 8.05 19.50 -2.14
CA ILE B 135 9.29 19.64 -2.90
C ILE B 135 10.25 18.61 -2.40
N CYS B 136 11.01 17.99 -3.32
CA CYS B 136 11.97 16.98 -2.98
C CYS B 136 13.30 17.29 -3.64
N PHE B 137 14.39 17.17 -2.86
CA PHE B 137 15.78 17.33 -3.32
C PHE B 137 16.46 15.99 -3.16
N LEU B 138 16.91 15.42 -4.27
CA LEU B 138 17.53 14.11 -4.23
C LEU B 138 18.92 14.20 -4.79
N SER B 139 19.91 13.90 -3.96
CA SER B 139 21.30 13.90 -4.34
C SER B 139 21.63 12.62 -5.08
N THR B 140 22.48 12.71 -6.10
CA THR B 140 23.01 11.56 -6.85
C THR B 140 24.53 11.50 -6.57
N LEU B 141 25.05 12.55 -5.92
CA LEU B 141 26.47 12.72 -5.58
C LEU B 141 26.92 11.76 -4.46
N LYS C 21 0.49 13.34 5.63
CA LYS C 21 0.03 12.62 4.44
C LYS C 21 -0.33 11.18 4.77
N VAL C 22 -1.59 10.79 4.46
CA VAL C 22 -2.13 9.47 4.75
C VAL C 22 -2.79 8.89 3.51
N LYS C 23 -2.27 7.77 3.04
CA LYS C 23 -2.79 7.05 1.89
C LYS C 23 -3.22 5.68 2.40
N ILE C 24 -4.53 5.37 2.27
CA ILE C 24 -5.08 4.14 2.81
C ILE C 24 -5.90 3.41 1.77
N GLU C 25 -6.10 2.11 1.96
CA GLU C 25 -6.96 1.32 1.10
C GLU C 25 -8.25 1.12 1.87
N LEU C 26 -9.38 1.23 1.18
CA LEU C 26 -10.69 1.00 1.79
C LEU C 26 -11.28 -0.11 0.96
N LYS C 27 -11.38 -1.32 1.56
N LYS C 27 -11.37 -1.32 1.55
CA LYS C 27 -11.93 -2.50 0.90
CA LYS C 27 -11.93 -2.50 0.90
C LYS C 27 -13.35 -2.74 1.41
C LYS C 27 -13.35 -2.74 1.41
N PHE C 28 -14.26 -3.20 0.52
CA PHE C 28 -15.66 -3.43 0.85
C PHE C 28 -16.01 -4.84 0.48
N LEU C 29 -16.59 -5.58 1.42
CA LEU C 29 -16.90 -6.99 1.26
C LEU C 29 -18.30 -7.33 1.77
N GLY C 30 -18.75 -8.54 1.48
CA GLY C 30 -20.06 -9.03 1.88
C GLY C 30 -21.24 -8.41 1.12
N GLY C 31 -20.96 -7.80 -0.03
CA GLY C 31 -22.01 -7.20 -0.88
C GLY C 31 -21.86 -5.70 -0.99
N LEU C 32 -21.10 -5.09 -0.06
CA LEU C 32 -20.85 -3.64 -0.05
C LEU C 32 -20.13 -3.18 -1.31
N GLU C 33 -19.26 -4.04 -1.92
CA GLU C 33 -18.54 -3.67 -3.15
C GLU C 33 -19.47 -3.39 -4.36
N SER C 34 -20.71 -3.93 -4.35
CA SER C 34 -21.67 -3.73 -5.45
CA SER C 34 -21.66 -3.73 -5.45
C SER C 34 -22.15 -2.28 -5.49
N TYR C 35 -21.84 -1.49 -4.44
CA TYR C 35 -22.26 -0.08 -4.35
C TYR C 35 -21.14 0.92 -4.64
N LEU C 36 -19.99 0.41 -5.07
CA LEU C 36 -18.86 1.26 -5.39
C LEU C 36 -19.04 1.81 -6.79
N GLU C 37 -18.48 3.01 -7.06
CA GLU C 37 -18.50 3.65 -8.38
C GLU C 37 -17.81 2.74 -9.39
N ASP C 38 -16.62 2.23 -9.03
CA ASP C 38 -15.83 1.33 -9.89
C ASP C 38 -16.13 -0.09 -9.45
N LYS C 39 -16.96 -0.79 -10.24
CA LYS C 39 -17.40 -2.15 -9.92
C LYS C 39 -16.44 -3.25 -10.41
N SER C 40 -15.28 -2.86 -10.98
CA SER C 40 -14.26 -3.81 -11.46
C SER C 40 -13.33 -4.30 -10.30
N LYS C 41 -13.40 -3.64 -9.13
CA LYS C 41 -12.58 -3.97 -7.95
CA LYS C 41 -12.59 -3.98 -7.95
C LYS C 41 -13.37 -3.67 -6.67
N ASN C 42 -13.06 -4.38 -5.58
CA ASN C 42 -13.77 -4.19 -4.30
C ASN C 42 -13.17 -3.15 -3.38
N TYR C 43 -12.20 -2.38 -3.86
CA TYR C 43 -11.54 -1.37 -3.02
C TYR C 43 -11.32 -0.03 -3.73
N VAL C 44 -11.00 0.99 -2.94
CA VAL C 44 -10.58 2.30 -3.41
C VAL C 44 -9.38 2.71 -2.56
N THR C 45 -8.57 3.65 -3.06
CA THR C 45 -7.48 4.22 -2.32
C THR C 45 -7.95 5.62 -1.90
N LEU C 46 -7.68 6.04 -0.66
CA LEU C 46 -8.03 7.38 -0.19
C LEU C 46 -6.77 8.11 0.29
N GLU C 47 -6.54 9.36 -0.20
CA GLU C 47 -5.39 10.17 0.21
C GLU C 47 -5.87 11.44 0.89
N ILE C 48 -5.40 11.67 2.13
CA ILE C 48 -5.79 12.84 2.93
C ILE C 48 -4.59 13.41 3.69
N ASP C 49 -4.45 14.74 3.65
CA ASP C 49 -3.36 15.46 4.29
C ASP C 49 -3.94 16.36 5.37
N SER C 50 -4.38 15.73 6.47
CA SER C 50 -4.98 16.38 7.62
C SER C 50 -4.80 15.51 8.87
N LYS C 51 -4.39 16.13 9.98
CA LYS C 51 -4.22 15.46 11.27
C LYS C 51 -5.59 15.18 11.93
N GLU C 52 -6.68 15.73 11.35
CA GLU C 52 -8.04 15.60 11.87
C GLU C 52 -8.78 14.37 11.35
N LEU C 53 -8.12 13.55 10.51
CA LEU C 53 -8.71 12.30 10.01
C LEU C 53 -8.97 11.32 11.18
N ASN C 54 -10.18 10.76 11.24
CA ASN C 54 -10.59 9.74 12.24
C ASN C 54 -11.69 8.87 11.64
N PHE C 55 -11.98 7.76 12.26
CA PHE C 55 -13.03 6.82 11.80
C PHE C 55 -14.43 7.42 11.71
N GLU C 56 -14.78 8.40 12.56
CA GLU C 56 -16.09 9.06 12.52
C GLU C 56 -16.26 9.90 11.27
N ASN C 57 -15.27 10.75 10.89
CA ASN C 57 -15.40 11.54 9.66
C ASN C 57 -15.16 10.67 8.41
N LEU C 58 -14.39 9.57 8.57
CA LEU C 58 -14.15 8.63 7.47
C LEU C 58 -15.42 7.89 7.09
N ILE C 59 -16.12 7.35 8.09
CA ILE C 59 -17.38 6.62 7.90
C ILE C 59 -18.42 7.54 7.29
N ALA C 60 -18.54 8.80 7.77
CA ALA C 60 -19.48 9.78 7.22
C ALA C 60 -19.16 10.06 5.75
N PHE C 61 -17.86 10.21 5.42
CA PHE C 61 -17.47 10.49 4.06
C PHE C 61 -17.77 9.29 3.12
N ILE C 62 -17.41 8.08 3.54
CA ILE C 62 -17.66 6.88 2.72
C ILE C 62 -19.17 6.76 2.47
N ARG C 63 -19.99 6.93 3.54
CA ARG C 63 -21.45 6.83 3.50
C ARG C 63 -22.06 7.68 2.40
N ASP C 64 -21.57 8.90 2.22
CA ASP C 64 -22.13 9.82 1.25
C ASP C 64 -21.38 9.92 -0.11
N ASN C 65 -20.12 9.47 -0.17
CA ASN C 65 -19.36 9.68 -1.41
C ASN C 65 -18.75 8.43 -2.05
N ILE C 66 -18.67 7.32 -1.32
CA ILE C 66 -18.04 6.12 -1.87
C ILE C 66 -19.06 5.00 -2.05
N ILE C 67 -20.00 4.88 -1.11
CA ILE C 67 -21.09 3.91 -1.22
C ILE C 67 -22.26 4.63 -1.93
N GLU C 68 -22.59 4.19 -3.18
CA GLU C 68 -23.60 4.82 -4.04
C GLU C 68 -25.06 4.54 -3.62
N LYS C 69 -25.30 3.54 -2.75
CA LYS C 69 -26.67 3.25 -2.30
C LYS C 69 -26.93 3.79 -0.89
N LYS C 70 -28.12 4.37 -0.65
CA LYS C 70 -28.42 4.91 0.68
C LYS C 70 -28.84 3.82 1.69
N PHE C 71 -28.63 4.10 3.01
CA PHE C 71 -28.99 3.27 4.19
C PHE C 71 -28.20 1.94 4.37
N VAL C 72 -27.31 1.56 3.44
CA VAL C 72 -26.63 0.27 3.54
C VAL C 72 -25.30 0.25 4.34
N PHE C 73 -24.72 1.41 4.66
CA PHE C 73 -23.38 1.48 5.24
C PHE C 73 -23.31 2.10 6.64
N SER C 74 -24.09 3.17 6.86
CA SER C 74 -24.09 3.94 8.09
C SER C 74 -25.39 4.73 8.21
N ASP C 75 -25.93 4.84 9.44
CA ASP C 75 -27.14 5.62 9.70
C ASP C 75 -26.90 7.14 9.50
N TYR C 76 -27.98 7.90 9.23
CA TYR C 76 -27.93 9.35 9.05
C TYR C 76 -28.32 9.97 10.41
N ASP C 77 -27.43 9.78 11.39
CA ASP C 77 -27.65 10.22 12.78
C ASP C 77 -27.43 11.71 12.93
N ILE C 78 -26.34 12.26 12.31
CA ILE C 78 -26.08 13.71 12.35
C ILE C 78 -26.43 14.33 11.00
N ASP C 82 -21.55 20.74 11.46
CA ASP C 82 -20.68 21.87 11.14
C ASP C 82 -19.76 21.53 9.97
N GLU C 83 -19.20 22.53 9.28
CA GLU C 83 -18.35 22.25 8.12
C GLU C 83 -16.92 22.78 8.20
N LYS C 84 -15.98 21.84 8.13
CA LYS C 84 -14.54 22.06 8.02
C LYS C 84 -14.17 21.10 6.90
N LEU C 85 -14.29 21.60 5.66
CA LEU C 85 -14.09 20.82 4.45
C LEU C 85 -12.63 20.78 4.04
N CYS C 86 -12.19 19.64 3.46
CA CYS C 86 -10.82 19.49 3.00
CA CYS C 86 -10.82 19.49 2.99
C CYS C 86 -10.76 18.62 1.74
N LYS C 87 -9.66 18.71 0.99
CA LYS C 87 -9.46 17.95 -0.23
C LYS C 87 -8.98 16.54 0.07
N VAL C 88 -9.51 15.55 -0.69
CA VAL C 88 -9.14 14.14 -0.64
C VAL C 88 -9.06 13.60 -2.04
N VAL C 90 -9.78 10.02 -4.08
CA VAL C 90 -10.42 8.68 -4.05
C VAL C 90 -10.02 8.12 -5.42
N ASP C 91 -9.11 7.11 -5.43
CA ASP C 91 -8.50 6.59 -6.66
C ASP C 91 -7.91 7.81 -7.45
N ASN C 92 -8.33 8.10 -8.71
CA ASN C 92 -7.78 9.24 -9.46
C ASN C 92 -8.71 10.50 -9.47
N LYS C 93 -9.75 10.53 -8.64
CA LYS C 93 -10.62 11.70 -8.63
C LYS C 93 -10.51 12.51 -7.33
N GLU C 94 -10.35 13.83 -7.45
CA GLU C 94 -10.25 14.74 -6.32
C GLU C 94 -11.63 15.17 -5.87
N TYR C 95 -11.81 15.16 -4.56
CA TYR C 95 -13.01 15.63 -3.90
C TYR C 95 -12.56 16.84 -3.09
N SER C 96 -13.48 17.75 -2.79
CA SER C 96 -13.18 18.92 -1.98
C SER C 96 -14.23 19.06 -0.89
N ASN C 97 -15.07 18.03 -0.74
CA ASN C 97 -16.19 17.99 0.21
C ASN C 97 -15.96 17.06 1.42
N TYR C 98 -14.71 16.69 1.76
CA TYR C 98 -14.46 15.83 2.92
C TYR C 98 -14.67 16.67 4.17
N ASN C 99 -15.78 16.44 4.90
CA ASN C 99 -16.11 17.17 6.11
C ASN C 99 -15.42 16.56 7.32
N LEU C 100 -14.36 17.22 7.81
CA LEU C 100 -13.58 16.75 8.97
C LEU C 100 -14.36 16.82 10.28
N LYS C 101 -15.50 17.50 10.29
CA LYS C 101 -16.32 17.70 11.49
C LYS C 101 -17.51 16.76 11.54
N ASP C 102 -17.80 16.07 10.42
CA ASP C 102 -18.91 15.11 10.37
C ASP C 102 -18.56 13.85 11.15
N LYS C 103 -19.57 13.16 11.69
CA LYS C 103 -19.38 11.95 12.50
C LYS C 103 -20.49 10.97 12.15
N ALA C 104 -20.11 9.70 11.97
CA ALA C 104 -21.06 8.63 11.68
C ALA C 104 -20.55 7.33 12.29
N LYS C 105 -21.48 6.48 12.69
CA LYS C 105 -21.23 5.16 13.24
C LYS C 105 -21.37 4.19 12.09
N ILE C 106 -20.63 3.11 12.11
CA ILE C 106 -20.82 2.06 11.11
C ILE C 106 -22.17 1.36 11.44
N LYS C 107 -22.92 0.92 10.43
CA LYS C 107 -24.20 0.24 10.66
C LYS C 107 -23.94 -1.09 11.43
N PRO C 108 -24.76 -1.47 12.45
CA PRO C 108 -24.54 -2.78 13.11
C PRO C 108 -24.63 -3.89 12.06
N GLY C 109 -23.80 -4.91 12.20
CA GLY C 109 -23.74 -6.02 11.25
C GLY C 109 -22.61 -5.87 10.24
N ILE C 110 -21.92 -4.73 10.27
CA ILE C 110 -20.76 -4.48 9.40
C ILE C 110 -19.51 -4.62 10.28
N ILE C 111 -18.63 -5.54 9.89
CA ILE C 111 -17.37 -5.86 10.54
C ILE C 111 -16.32 -4.90 10.00
N VAL C 112 -15.51 -4.29 10.90
CA VAL C 112 -14.43 -3.39 10.48
C VAL C 112 -13.08 -4.04 10.82
N LEU C 113 -12.18 -4.08 9.83
CA LEU C 113 -10.83 -4.62 10.07
C LEU C 113 -9.85 -3.56 9.66
N VAL C 114 -8.72 -3.46 10.36
CA VAL C 114 -7.64 -2.55 9.99
C VAL C 114 -6.43 -3.45 9.94
N ASN C 115 -5.82 -3.55 8.74
CA ASN C 115 -4.66 -4.43 8.49
C ASN C 115 -4.99 -5.86 8.91
N GLU C 116 -6.24 -6.28 8.65
CA GLU C 116 -6.79 -7.60 8.93
C GLU C 116 -6.96 -7.92 10.43
N TYR C 117 -6.98 -6.86 11.29
CA TYR C 117 -7.23 -7.02 12.72
C TYR C 117 -8.61 -6.44 13.04
N ASP C 118 -9.43 -7.14 13.84
CA ASP C 118 -10.74 -6.57 14.21
C ASP C 118 -10.51 -5.23 14.90
N TRP C 119 -11.21 -4.14 14.48
CA TRP C 119 -10.98 -2.81 15.07
C TRP C 119 -11.25 -2.72 16.59
N GLU C 120 -11.95 -3.73 17.18
CA GLU C 120 -12.21 -3.77 18.62
C GLU C 120 -10.88 -3.90 19.41
N ILE C 121 -9.84 -4.57 18.83
CA ILE C 121 -8.53 -4.71 19.50
C ILE C 121 -7.63 -3.48 19.23
N LEU C 122 -8.15 -2.52 18.43
CA LEU C 122 -7.44 -1.34 17.98
C LEU C 122 -7.96 -0.05 18.61
N GLY C 123 -9.08 -0.14 19.33
CA GLY C 123 -9.71 1.01 19.98
C GLY C 123 -10.85 1.61 19.18
N THR C 124 -11.40 0.82 18.20
CA THR C 124 -12.49 1.19 17.28
C THR C 124 -12.37 2.65 16.76
N TYR C 125 -13.31 3.54 17.12
CA TYR C 125 -13.35 4.93 16.67
C TYR C 125 -12.16 5.79 17.14
N SER C 126 -11.42 5.36 18.19
CA SER C 126 -10.26 6.09 18.70
C SER C 126 -8.95 5.66 18.02
N TYR C 127 -9.01 4.69 17.10
CA TYR C 127 -7.84 4.21 16.38
C TYR C 127 -7.23 5.32 15.51
N GLN C 128 -5.92 5.60 15.72
CA GLN C 128 -5.25 6.61 14.91
C GLN C 128 -4.91 5.99 13.55
N ILE C 129 -5.64 6.39 12.49
CA ILE C 129 -5.44 5.86 11.13
C ILE C 129 -4.07 6.31 10.65
N LYS C 130 -3.31 5.39 10.10
CA LYS C 130 -1.95 5.67 9.68
C LYS C 130 -1.74 5.45 8.21
N ASN C 131 -0.72 6.12 7.65
CA ASN C 131 -0.36 5.95 6.25
C ASN C 131 -0.13 4.48 5.96
N ASP C 132 -0.66 4.00 4.82
CA ASP C 132 -0.57 2.62 4.31
C ASP C 132 -1.49 1.64 5.04
N ASP C 133 -2.38 2.12 5.92
CA ASP C 133 -3.34 1.22 6.57
C ASP C 133 -4.31 0.64 5.53
N LYS C 134 -4.74 -0.61 5.74
CA LYS C 134 -5.69 -1.29 4.86
C LYS C 134 -6.93 -1.54 5.67
N ILE C 135 -7.98 -0.80 5.36
CA ILE C 135 -9.21 -0.90 6.13
C ILE C 135 -10.19 -1.71 5.33
N CYS C 136 -10.92 -2.60 6.01
CA CYS C 136 -11.91 -3.43 5.37
C CYS C 136 -13.24 -3.32 6.09
N PHE C 137 -14.34 -3.19 5.32
CA PHE C 137 -15.72 -3.15 5.82
C PHE C 137 -16.43 -4.36 5.23
N LEU C 138 -16.86 -5.26 6.10
CA LEU C 138 -17.51 -6.47 5.64
C LEU C 138 -18.92 -6.54 6.20
N SER C 139 -19.90 -6.54 5.31
CA SER C 139 -21.30 -6.65 5.69
C SER C 139 -21.64 -8.10 5.97
N THR C 140 -22.47 -8.34 6.97
CA THR C 140 -23.03 -9.66 7.31
C THR C 140 -24.53 -9.62 7.02
N LEU C 141 -25.06 -8.39 6.75
CA LEU C 141 -26.47 -8.12 6.48
C LEU C 141 -26.91 -8.66 5.13
N LYS D 21 -4.38 -31.82 -8.60
CA LYS D 21 -3.61 -31.05 -7.65
C LYS D 21 -4.30 -29.73 -7.34
N VAL D 22 -4.50 -29.46 -6.04
CA VAL D 22 -5.16 -28.25 -5.58
C VAL D 22 -4.30 -27.65 -4.45
N LYS D 23 -3.83 -26.40 -4.66
CA LYS D 23 -3.06 -25.65 -3.70
C LYS D 23 -3.87 -24.38 -3.36
N ILE D 24 -4.29 -24.26 -2.09
CA ILE D 24 -5.14 -23.16 -1.69
C ILE D 24 -4.58 -22.44 -0.46
N GLU D 25 -5.06 -21.22 -0.23
CA GLU D 25 -4.70 -20.49 0.97
C GLU D 25 -5.90 -20.57 1.90
N LEU D 26 -5.65 -20.77 3.20
CA LEU D 26 -6.71 -20.79 4.20
C LEU D 26 -6.33 -19.69 5.15
N LYS D 27 -7.08 -18.59 5.13
N LYS D 27 -7.08 -18.59 5.13
CA LYS D 27 -6.85 -17.43 6.00
CA LYS D 27 -6.85 -17.44 6.00
C LYS D 27 -7.86 -17.44 7.15
C LYS D 27 -7.85 -17.44 7.15
N PHE D 28 -7.42 -17.04 8.35
CA PHE D 28 -8.25 -17.03 9.55
C PHE D 28 -8.24 -15.66 10.14
N LEU D 29 -9.43 -15.12 10.41
CA LEU D 29 -9.58 -13.75 10.89
C LEU D 29 -10.60 -13.67 12.03
N GLY D 30 -10.65 -12.52 12.67
CA GLY D 30 -11.56 -12.27 13.79
C GLY D 30 -11.18 -12.96 15.09
N GLY D 31 -9.91 -13.37 15.20
CA GLY D 31 -9.40 -14.03 16.41
C GLY D 31 -9.03 -15.49 16.17
N LEU D 32 -9.54 -16.08 15.07
CA LEU D 32 -9.27 -17.47 14.71
C LEU D 32 -7.77 -17.72 14.44
N GLU D 33 -7.03 -16.69 13.97
CA GLU D 33 -5.59 -16.83 13.69
C GLU D 33 -4.75 -17.12 14.98
N SER D 34 -5.27 -16.74 16.17
CA SER D 34 -4.56 -16.98 17.45
CA SER D 34 -4.55 -16.98 17.45
C SER D 34 -4.49 -18.47 17.76
N TYR D 35 -5.25 -19.31 17.01
CA TYR D 35 -5.27 -20.77 17.24
C TYR D 35 -4.45 -21.57 16.21
N LEU D 36 -3.72 -20.86 15.35
CA LEU D 36 -2.88 -21.51 14.35
C LEU D 36 -1.58 -21.95 14.98
N GLU D 37 -0.96 -23.00 14.43
CA GLU D 37 0.33 -23.53 14.88
C GLU D 37 1.40 -22.44 14.71
N ASP D 38 1.41 -21.80 13.52
CA ASP D 38 2.36 -20.72 13.23
C ASP D 38 1.64 -19.40 13.48
N LYS D 39 1.98 -18.76 14.60
CA LYS D 39 1.33 -17.51 15.02
C LYS D 39 1.97 -16.26 14.42
N SER D 40 2.95 -16.42 13.52
CA SER D 40 3.61 -15.29 12.84
C SER D 40 2.79 -14.78 11.60
N LYS D 41 1.78 -15.55 11.17
N LYS D 41 1.78 -15.55 11.17
CA LYS D 41 0.91 -15.21 10.02
CA LYS D 41 0.92 -15.20 10.03
C LYS D 41 -0.49 -15.75 10.24
C LYS D 41 -0.49 -15.75 10.24
N ASN D 42 -1.50 -15.11 9.62
CA ASN D 42 -2.92 -15.51 9.78
C ASN D 42 -3.42 -16.54 8.78
N TYR D 43 -2.52 -17.13 7.99
CA TYR D 43 -2.91 -18.11 6.97
C TYR D 43 -1.99 -19.32 6.91
N VAL D 44 -2.45 -20.37 6.22
CA VAL D 44 -1.68 -21.54 5.87
C VAL D 44 -1.97 -21.86 4.41
N THR D 45 -1.08 -22.60 3.76
CA THR D 45 -1.30 -23.07 2.41
CA THR D 45 -1.31 -23.08 2.40
C THR D 45 -1.59 -24.57 2.57
N LEU D 46 -2.60 -25.07 1.87
CA LEU D 46 -2.93 -26.51 1.90
C LEU D 46 -2.83 -27.09 0.49
N GLU D 47 -2.10 -28.22 0.34
CA GLU D 47 -1.95 -28.91 -0.94
C GLU D 47 -2.54 -30.30 -0.81
N ILE D 48 -3.46 -30.63 -1.71
CA ILE D 48 -4.16 -31.91 -1.77
C ILE D 48 -4.28 -32.33 -3.24
N ASP D 49 -4.12 -33.62 -3.50
CA ASP D 49 -4.28 -34.21 -4.83
C ASP D 49 -5.35 -35.30 -4.72
N SER D 50 -6.62 -34.86 -4.65
CA SER D 50 -7.81 -35.70 -4.55
C SER D 50 -9.01 -34.97 -5.12
N LYS D 51 -9.79 -35.65 -5.96
CA LYS D 51 -11.02 -35.11 -6.55
C LYS D 51 -12.18 -35.11 -5.52
N GLU D 52 -11.96 -35.70 -4.33
CA GLU D 52 -12.95 -35.80 -3.26
C GLU D 52 -12.91 -34.60 -2.30
N LEU D 53 -12.01 -33.65 -2.52
CA LEU D 53 -11.93 -32.42 -1.71
C LEU D 53 -13.23 -31.63 -1.81
N ASN D 54 -13.75 -31.22 -0.66
CA ASN D 54 -14.94 -30.38 -0.56
C ASN D 54 -14.93 -29.62 0.75
N PHE D 55 -15.81 -28.65 0.90
CA PHE D 55 -15.92 -27.84 2.10
C PHE D 55 -16.26 -28.64 3.36
N GLU D 56 -17.05 -29.71 3.24
CA GLU D 56 -17.40 -30.57 4.38
C GLU D 56 -16.18 -31.24 4.99
N ASN D 57 -15.35 -31.91 4.16
CA ASN D 57 -14.15 -32.58 4.64
C ASN D 57 -13.01 -31.57 4.93
N LEU D 58 -13.01 -30.41 4.28
CA LEU D 58 -12.02 -29.35 4.55
C LEU D 58 -12.24 -28.78 5.93
N ILE D 59 -13.48 -28.42 6.22
CA ILE D 59 -13.85 -27.86 7.53
C ILE D 59 -13.53 -28.86 8.64
N ALA D 60 -13.86 -30.17 8.48
CA ALA D 60 -13.56 -31.21 9.48
C ALA D 60 -12.04 -31.30 9.69
N PHE D 61 -11.26 -31.23 8.60
CA PHE D 61 -9.80 -31.31 8.72
C PHE D 61 -9.22 -30.08 9.45
N ILE D 62 -9.66 -28.88 9.09
CA ILE D 62 -9.17 -27.65 9.75
C ILE D 62 -9.50 -27.72 11.23
N ARG D 63 -10.74 -28.12 11.57
CA ARG D 63 -11.22 -28.23 12.95
C ARG D 63 -10.29 -29.05 13.85
N ASP D 64 -9.79 -30.15 13.33
CA ASP D 64 -8.94 -31.05 14.11
C ASP D 64 -7.42 -30.89 13.90
N ASN D 65 -6.97 -30.25 12.83
CA ASN D 65 -5.53 -30.22 12.56
C ASN D 65 -4.92 -28.84 12.38
N ILE D 66 -5.73 -27.82 12.12
CA ILE D 66 -5.17 -26.50 11.84
C ILE D 66 -5.53 -25.53 12.96
N ILE D 67 -6.76 -25.64 13.51
CA ILE D 67 -7.18 -24.82 14.64
C ILE D 67 -6.82 -25.63 15.92
N GLU D 68 -5.82 -25.13 16.72
CA GLU D 68 -5.33 -25.84 17.92
CA GLU D 68 -5.33 -25.84 17.91
C GLU D 68 -6.27 -25.78 19.12
N LYS D 69 -7.31 -24.92 19.11
CA LYS D 69 -8.24 -24.86 20.25
C LYS D 69 -9.55 -25.57 19.92
N LYS D 70 -10.12 -26.34 20.87
CA LYS D 70 -11.37 -27.05 20.61
C LYS D 70 -12.61 -26.14 20.73
N PHE D 71 -13.71 -26.51 20.03
CA PHE D 71 -15.05 -25.87 20.00
C PHE D 71 -15.13 -24.47 19.34
N VAL D 72 -14.03 -23.89 18.88
CA VAL D 72 -14.06 -22.52 18.34
C VAL D 72 -14.34 -22.39 16.82
N PHE D 73 -14.26 -23.49 16.05
CA PHE D 73 -14.33 -23.41 14.59
C PHE D 73 -15.49 -24.15 13.94
N SER D 74 -15.82 -25.33 14.46
CA SER D 74 -16.84 -26.23 13.93
C SER D 74 -17.28 -27.21 15.01
N ASP D 75 -18.59 -27.55 15.05
CA ASP D 75 -19.14 -28.52 16.01
C ASP D 75 -18.65 -29.94 15.71
N TYR D 76 -18.67 -30.82 16.74
CA TYR D 76 -18.26 -32.23 16.65
C TYR D 76 -19.50 -33.11 16.53
N ASP D 82 -16.81 -42.86 8.81
CA ASP D 82 -15.99 -43.74 7.99
C ASP D 82 -14.67 -43.06 7.63
N GLU D 83 -13.63 -43.85 7.29
CA GLU D 83 -12.32 -43.29 6.99
C GLU D 83 -11.75 -43.66 5.62
N LYS D 84 -11.41 -42.62 4.84
CA LYS D 84 -10.70 -42.72 3.56
C LYS D 84 -9.67 -41.61 3.65
N LEU D 85 -8.50 -41.94 4.21
CA LEU D 85 -7.42 -40.99 4.49
C LEU D 85 -6.54 -40.69 3.30
N CYS D 86 -6.02 -39.45 3.23
CA CYS D 86 -5.09 -39.04 2.18
C CYS D 86 -4.03 -38.07 2.72
N LYS D 87 -2.90 -37.98 2.00
CA LYS D 87 -1.79 -37.10 2.35
C LYS D 87 -2.08 -35.68 1.90
N VAL D 88 -1.77 -34.71 2.76
CA VAL D 88 -1.90 -33.30 2.45
C VAL D 88 -0.66 -32.58 3.00
N VAL D 90 0.38 -28.93 4.72
CA VAL D 90 -0.12 -27.69 5.37
C VAL D 90 1.19 -26.92 5.58
N ASP D 91 1.43 -25.87 4.78
CA ASP D 91 2.71 -25.15 4.70
C ASP D 91 3.82 -26.21 4.36
N ASN D 92 4.88 -26.34 5.18
CA ASN D 92 5.98 -27.28 4.91
C ASN D 92 5.85 -28.62 5.69
N LYS D 93 4.66 -28.88 6.28
CA LYS D 93 4.41 -30.07 7.06
C LYS D 93 3.44 -31.03 6.37
N GLU D 94 3.80 -32.32 6.32
CA GLU D 94 2.95 -33.34 5.72
C GLU D 94 2.03 -33.93 6.77
N TYR D 95 0.78 -34.12 6.40
CA TYR D 95 -0.27 -34.77 7.20
C TYR D 95 -0.75 -35.98 6.39
N SER D 96 -0.99 -37.12 7.04
CA SER D 96 -1.47 -38.33 6.36
C SER D 96 -2.86 -38.76 6.87
N ASN D 97 -3.52 -37.89 7.65
CA ASN D 97 -4.81 -38.12 8.30
C ASN D 97 -5.97 -37.27 7.73
N TYR D 98 -5.84 -36.77 6.49
CA TYR D 98 -6.93 -35.99 5.90
C TYR D 98 -8.04 -36.98 5.53
N ASN D 99 -9.16 -36.98 6.29
CA ASN D 99 -10.27 -37.91 6.07
C ASN D 99 -11.22 -37.34 5.02
N LEU D 100 -11.19 -37.89 3.79
CA LEU D 100 -12.05 -37.41 2.69
C LEU D 100 -13.53 -37.69 2.96
N LYS D 101 -13.83 -38.61 3.89
CA LYS D 101 -15.17 -39.08 4.25
C LYS D 101 -15.77 -38.33 5.44
N ASP D 102 -14.96 -37.53 6.16
CA ASP D 102 -15.46 -36.73 7.27
C ASP D 102 -16.26 -35.51 6.74
N LYS D 103 -17.21 -35.01 7.55
CA LYS D 103 -18.07 -33.88 7.17
C LYS D 103 -18.29 -33.04 8.42
N ALA D 104 -18.19 -31.73 8.28
CA ALA D 104 -18.42 -30.79 9.37
C ALA D 104 -18.99 -29.51 8.81
N LYS D 105 -19.84 -28.86 9.61
CA LYS D 105 -20.43 -27.57 9.30
C LYS D 105 -19.55 -26.52 9.96
N ILE D 106 -19.47 -25.33 9.36
CA ILE D 106 -18.77 -24.24 10.01
C ILE D 106 -19.65 -23.77 11.19
N LYS D 107 -19.04 -23.33 12.30
CA LYS D 107 -19.80 -22.86 13.46
C LYS D 107 -20.61 -21.59 13.05
N PRO D 108 -21.89 -21.43 13.48
CA PRO D 108 -22.61 -20.19 13.14
C PRO D 108 -21.84 -18.99 13.73
N GLY D 109 -21.83 -17.88 13.01
CA GLY D 109 -21.09 -16.69 13.43
C GLY D 109 -19.74 -16.58 12.74
N ILE D 110 -19.36 -17.60 11.97
CA ILE D 110 -18.10 -17.58 11.19
C ILE D 110 -18.48 -17.37 9.73
N ILE D 111 -17.94 -16.30 9.15
CA ILE D 111 -18.13 -15.87 7.78
C ILE D 111 -17.13 -16.63 6.91
N VAL D 112 -17.58 -17.19 5.77
CA VAL D 112 -16.69 -17.90 4.85
C VAL D 112 -16.63 -17.10 3.55
N LEU D 113 -15.41 -16.83 3.08
CA LEU D 113 -15.22 -16.14 1.79
C LEU D 113 -14.36 -17.01 0.92
N VAL D 114 -14.58 -16.98 -0.39
CA VAL D 114 -13.71 -17.67 -1.34
C VAL D 114 -13.37 -16.56 -2.29
N ASN D 115 -12.07 -16.27 -2.44
CA ASN D 115 -11.56 -15.20 -3.32
C ASN D 115 -12.29 -13.87 -3.02
N GLU D 116 -12.54 -13.63 -1.72
CA GLU D 116 -13.18 -12.44 -1.18
C GLU D 116 -14.69 -12.31 -1.55
N TYR D 117 -15.33 -13.42 -1.97
CA TYR D 117 -16.78 -13.44 -2.23
C TYR D 117 -17.45 -14.26 -1.14
N ASP D 118 -18.59 -13.80 -0.60
CA ASP D 118 -19.30 -14.60 0.41
C ASP D 118 -19.67 -15.97 -0.20
N TRP D 119 -19.37 -17.10 0.49
CA TRP D 119 -19.65 -18.43 -0.07
C TRP D 119 -21.15 -18.70 -0.38
N GLU D 120 -22.07 -17.88 0.16
CA GLU D 120 -23.51 -18.00 -0.15
C GLU D 120 -23.79 -17.76 -1.65
N ILE D 121 -22.99 -16.87 -2.32
CA ILE D 121 -23.16 -16.61 -3.77
C ILE D 121 -22.41 -17.65 -4.62
N LEU D 122 -21.73 -18.62 -3.95
CA LEU D 122 -20.90 -19.64 -4.60
C LEU D 122 -21.43 -21.06 -4.42
N GLY D 123 -22.53 -21.19 -3.70
CA GLY D 123 -23.15 -22.49 -3.46
C GLY D 123 -22.71 -23.17 -2.17
N THR D 124 -22.15 -22.38 -1.21
CA THR D 124 -21.66 -22.80 0.11
C THR D 124 -20.91 -24.16 0.03
N TYR D 125 -21.45 -25.20 0.69
CA TYR D 125 -20.86 -26.56 0.77
C TYR D 125 -20.72 -27.27 -0.57
N SER D 126 -21.46 -26.81 -1.63
CA SER D 126 -21.40 -27.44 -2.95
C SER D 126 -20.33 -26.80 -3.85
N TYR D 127 -19.67 -25.71 -3.37
CA TYR D 127 -18.64 -25.01 -4.13
C TYR D 127 -17.45 -25.94 -4.48
N GLN D 128 -17.13 -26.04 -5.77
CA GLN D 128 -15.99 -26.85 -6.21
C GLN D 128 -14.73 -26.04 -5.97
N ILE D 129 -13.94 -26.43 -4.95
CA ILE D 129 -12.71 -25.73 -4.58
C ILE D 129 -11.69 -25.91 -5.72
N LYS D 130 -11.11 -24.78 -6.16
CA LYS D 130 -10.19 -24.73 -7.29
C LYS D 130 -8.75 -24.48 -6.86
N ASN D 131 -7.78 -24.95 -7.67
CA ASN D 131 -6.38 -24.64 -7.44
C ASN D 131 -6.25 -23.10 -7.40
N ASP D 132 -5.46 -22.58 -6.43
CA ASP D 132 -5.18 -21.15 -6.22
C ASP D 132 -6.31 -20.38 -5.55
N ASP D 133 -7.39 -21.08 -5.10
CA ASP D 133 -8.44 -20.37 -4.38
C ASP D 133 -7.92 -19.83 -3.04
N LYS D 134 -8.45 -18.70 -2.60
CA LYS D 134 -8.09 -18.07 -1.33
C LYS D 134 -9.33 -18.10 -0.46
N ILE D 135 -9.33 -18.98 0.53
CA ILE D 135 -10.48 -19.15 1.40
C ILE D 135 -10.21 -18.41 2.68
N CYS D 136 -11.25 -17.78 3.22
CA CYS D 136 -11.10 -17.02 4.44
C CYS D 136 -12.23 -17.33 5.41
N PHE D 137 -11.87 -17.56 6.68
CA PHE D 137 -12.80 -17.82 7.78
C PHE D 137 -12.70 -16.68 8.76
N LEU D 138 -13.79 -15.94 8.93
CA LEU D 138 -13.77 -14.80 9.81
C LEU D 138 -14.80 -14.98 10.90
N SER D 139 -14.33 -15.03 12.14
CA SER D 139 -15.19 -15.16 13.30
C SER D 139 -15.77 -13.82 13.65
N THR D 140 -17.04 -13.81 14.09
CA THR D 140 -17.73 -12.62 14.60
C THR D 140 -18.01 -12.86 16.10
N LEU D 141 -17.76 -14.11 16.55
CA LEU D 141 -17.97 -14.57 17.93
C LEU D 141 -16.97 -13.98 18.91
#